data_8EE9
#
_entry.id   8EE9
#
_cell.length_a   42.873
_cell.length_b   61.185
_cell.length_c   44.590
_cell.angle_alpha   90.000
_cell.angle_beta   117.160
_cell.angle_gamma   90.000
#
_symmetry.space_group_name_H-M   'P 1 21 1'
#
loop_
_entity.id
_entity.type
_entity.pdbx_description
1 polymer "DNA (5'-D(*AP*AP*TP*AP*AP*AP*AP*GP*GP*AP*AP*TP*GP*GP*GP*G)-3')"
2 polymer "DNA (5'-D(*TP*CP*CP*CP*CP*AP*TP*TP*CP*CP*TP*TP*TP*TP*AP*T)-3')"
3 polymer 'Transcription factor PU.1'
4 water water
#
loop_
_entity_poly.entity_id
_entity_poly.type
_entity_poly.pdbx_seq_one_letter_code
_entity_poly.pdbx_strand_id
1 'polydeoxyribonucleotide' (DA)(DA)(DT)(DA)(DA)(DA)(DA)(DG)(DG)(DA)(DA)(DT)(DG)(DG)(DG)(DG) C
2 'polydeoxyribonucleotide' (DT)(DC)(DC)(DC)(DC)(DA)(DT)(DT)(DC)(DC)(DT)(DT)(DT)(DT)(DA)(DT) D
3 'polypeptide(L)'
;GSKKKIRLYQFLLDLLRSGDMKDSIWWVDKDKGTFQFSSKHKEALAHRWGIQKGNRKKMTYQKMARALRNYGKTGEVKKV
KKKLTYQFSGEVLGRGGLAERRHPPH
;
F
#
# COMPACT_ATOMS: atom_id res chain seq x y z
N LYS C 5 -12.98 9.60 5.24
CA LYS C 5 -12.27 9.11 4.05
C LYS C 5 -11.20 8.09 4.44
N ILE C 6 -11.10 7.05 3.62
CA ILE C 6 -10.20 5.96 3.94
C ILE C 6 -8.77 6.45 3.94
N ARG C 7 -7.98 5.90 4.86
CA ARG C 7 -6.55 6.18 4.90
C ARG C 7 -5.80 5.24 3.96
N LEU C 8 -4.65 5.71 3.48
CA LEU C 8 -3.89 4.92 2.52
C LEU C 8 -3.58 3.53 3.04
N TYR C 9 -3.13 3.41 4.29
CA TYR C 9 -2.76 2.07 4.76
C TYR C 9 -3.97 1.14 4.76
N GLN C 10 -5.16 1.69 5.01
CA GLN C 10 -6.34 0.85 5.05
C GLN C 10 -6.76 0.45 3.65
N PHE C 11 -6.61 1.36 2.68
CA PHE C 11 -6.86 1.02 1.29
C PHE C 11 -6.00 -0.15 0.85
N LEU C 12 -4.72 -0.12 1.21
CA LEU C 12 -3.81 -1.21 0.83
C LEU C 12 -4.16 -2.52 1.53
N LEU C 13 -4.43 -2.44 2.84
CA LEU C 13 -4.81 -3.65 3.57
C LEU C 13 -6.08 -4.25 3.00
N ASP C 14 -7.05 -3.39 2.66
CA ASP C 14 -8.29 -3.90 2.07
C ASP C 14 -8.05 -4.56 0.72
N LEU C 15 -7.17 -4.00 -0.11
CA LEU C 15 -6.85 -4.69 -1.37
C LEU C 15 -6.26 -6.05 -1.11
N LEU C 16 -5.33 -6.14 -0.18
CA LEU C 16 -4.70 -7.42 0.10
C LEU C 16 -5.70 -8.43 0.62
N ARG C 17 -6.68 -7.99 1.39
CA ARG C 17 -7.68 -8.92 1.93
C ARG C 17 -8.68 -9.34 0.87
N SER C 18 -8.99 -8.47 -0.08
CA SER C 18 -9.98 -8.79 -1.10
C SER C 18 -9.38 -9.53 -2.29
N GLY C 19 -8.08 -9.43 -2.50
CA GLY C 19 -7.45 -9.96 -3.69
C GLY C 19 -7.80 -9.27 -5.00
N ASP C 20 -8.29 -8.02 -4.94
CA ASP C 20 -8.87 -7.39 -6.13
C ASP C 20 -7.83 -6.97 -7.17
N MET C 21 -6.59 -6.74 -6.76
CA MET C 21 -5.50 -6.31 -7.63
C MET C 21 -4.27 -7.16 -7.38
N LYS C 22 -4.46 -8.48 -7.45
CA LYS C 22 -3.40 -9.43 -7.11
C LYS C 22 -2.19 -9.33 -8.02
N ASP C 23 -2.34 -8.77 -9.21
CA ASP C 23 -1.17 -8.58 -10.06
C ASP C 23 -0.38 -7.32 -9.71
N SER C 24 -0.89 -6.47 -8.83
CA SER C 24 -0.22 -5.23 -8.45
C SER C 24 0.38 -5.25 -7.06
N ILE C 25 -0.15 -6.07 -6.16
CA ILE C 25 0.27 -6.08 -4.76
C ILE C 25 0.00 -7.47 -4.20
N TRP C 26 0.87 -7.95 -3.31
CA TRP C 26 0.69 -9.27 -2.72
C TRP C 26 1.38 -9.34 -1.38
N TRP C 27 0.91 -10.26 -0.53
CA TRP C 27 1.64 -10.58 0.69
C TRP C 27 2.94 -11.27 0.35
N VAL C 28 3.98 -10.95 1.09
CA VAL C 28 5.22 -11.72 1.10
C VAL C 28 5.24 -12.69 2.26
N ASP C 29 5.02 -12.19 3.47
CA ASP C 29 4.83 -13.00 4.66
C ASP C 29 3.62 -12.42 5.38
N LYS C 30 2.46 -13.02 5.13
CA LYS C 30 1.24 -12.43 5.67
C LYS C 30 1.24 -12.43 7.19
N ASP C 31 1.77 -13.45 7.82
CA ASP C 31 1.77 -13.48 9.29
C ASP C 31 2.59 -12.34 9.86
N LYS C 32 3.64 -11.92 9.18
CA LYS C 32 4.44 -10.77 9.60
C LYS C 32 3.91 -9.46 9.06
N GLY C 33 2.92 -9.49 8.17
CA GLY C 33 2.40 -8.28 7.56
C GLY C 33 3.28 -7.64 6.50
N THR C 34 4.20 -8.39 5.88
CA THR C 34 5.01 -7.84 4.79
C THR C 34 4.31 -8.04 3.46
N PHE C 35 4.37 -7.01 2.62
CA PHE C 35 3.70 -7.00 1.33
C PHE C 35 4.59 -6.28 0.33
N GLN C 36 4.34 -6.55 -0.95
CA GLN C 36 5.19 -6.07 -2.02
C GLN C 36 4.35 -5.61 -3.19
N PHE C 37 4.79 -4.53 -3.83
CA PHE C 37 4.17 -4.05 -5.05
C PHE C 37 4.86 -4.64 -6.27
N SER C 38 4.11 -4.75 -7.35
CA SER C 38 4.62 -5.18 -8.65
C SER C 38 5.40 -4.07 -9.30
N SER C 39 6.61 -4.38 -9.76
CA SER C 39 7.35 -3.34 -10.47
C SER C 39 6.58 -2.86 -11.70
N LYS C 40 5.99 -3.78 -12.46
CA LYS C 40 5.36 -3.43 -13.73
C LYS C 40 3.91 -3.01 -13.59
N HIS C 41 3.22 -3.35 -12.51
CA HIS C 41 1.79 -3.12 -12.40
C HIS C 41 1.38 -2.25 -11.22
N LYS C 42 2.34 -1.62 -10.55
CA LYS C 42 2.00 -0.79 -9.40
C LYS C 42 1.30 0.50 -9.80
N GLU C 43 1.52 1.00 -11.02
CA GLU C 43 0.90 2.27 -11.37
C GLU C 43 -0.61 2.16 -11.45
N ALA C 44 -1.15 1.02 -11.91
CA ALA C 44 -2.60 0.86 -11.95
C ALA C 44 -3.19 0.96 -10.54
N LEU C 45 -2.48 0.44 -9.55
CA LEU C 45 -2.95 0.51 -8.18
C LEU C 45 -2.88 1.94 -7.66
N ALA C 46 -1.79 2.65 -7.96
CA ALA C 46 -1.70 4.06 -7.60
C ALA C 46 -2.82 4.87 -8.24
N HIS C 47 -3.12 4.61 -9.51
CA HIS C 47 -4.20 5.34 -10.16
C HIS C 47 -5.50 5.14 -9.40
N ARG C 48 -5.76 3.89 -8.99
CA ARG C 48 -6.98 3.59 -8.26
CA ARG C 48 -6.98 3.59 -8.26
C ARG C 48 -7.06 4.37 -6.95
N TRP C 49 -5.94 4.49 -6.24
CA TRP C 49 -5.92 5.25 -4.99
C TRP C 49 -6.34 6.69 -5.23
N GLY C 50 -5.74 7.32 -6.24
CA GLY C 50 -6.08 8.72 -6.50
C GLY C 50 -7.53 8.91 -6.90
N ILE C 51 -8.06 8.00 -7.70
CA ILE C 51 -9.46 8.09 -8.10
C ILE C 51 -10.37 7.88 -6.90
N GLN C 52 -10.05 6.91 -6.04
CA GLN C 52 -10.87 6.72 -4.84
C GLN C 52 -10.89 7.96 -3.98
N LYS C 53 -9.76 8.66 -3.89
CA LYS C 53 -9.64 9.87 -3.09
C LYS C 53 -10.23 11.09 -3.77
N GLY C 54 -10.51 11.04 -5.07
CA GLY C 54 -10.98 12.22 -5.78
C GLY C 54 -9.93 13.32 -5.90
N ASN C 55 -8.65 12.96 -5.95
CA ASN C 55 -7.61 13.97 -5.98
C ASN C 55 -7.64 14.72 -7.30
N ARG C 56 -7.08 15.93 -7.27
CA ARG C 56 -7.06 16.76 -8.47
C ARG C 56 -6.24 16.14 -9.58
N LYS C 57 -5.03 15.68 -9.27
CA LYS C 57 -4.14 15.13 -10.29
C LYS C 57 -4.19 13.61 -10.31
N LYS C 58 -3.67 13.04 -11.39
CA LYS C 58 -3.48 11.60 -11.45
C LYS C 58 -2.46 11.19 -10.41
N MET C 59 -2.77 10.14 -9.65
CA MET C 59 -1.86 9.63 -8.64
C MET C 59 -0.81 8.78 -9.33
N THR C 60 0.41 8.84 -8.84
CA THR C 60 1.50 8.02 -9.32
C THR C 60 2.02 7.18 -8.16
N TYR C 61 2.70 6.10 -8.49
CA TYR C 61 3.29 5.28 -7.42
C TYR C 61 4.27 6.11 -6.60
N GLN C 62 5.04 6.97 -7.26
CA GLN C 62 5.99 7.80 -6.54
C GLN C 62 5.30 8.63 -5.47
N LYS C 63 4.21 9.30 -5.80
CA LYS C 63 3.51 10.12 -4.81
C LYS C 63 2.87 9.25 -3.73
N MET C 64 2.36 8.08 -4.10
CA MET C 64 1.76 7.21 -3.11
C MET C 64 2.83 6.74 -2.12
N ALA C 65 4.00 6.39 -2.62
CA ALA C 65 5.07 5.97 -1.74
C ALA C 65 5.60 7.13 -0.89
N ARG C 66 5.52 8.36 -1.40
CA ARG C 66 5.86 9.51 -0.57
C ARG C 66 4.96 9.58 0.66
N ALA C 67 3.66 9.33 0.46
CA ALA C 67 2.74 9.26 1.59
C ALA C 67 3.05 8.07 2.47
N LEU C 68 3.37 6.92 1.88
CA LEU C 68 3.68 5.75 2.70
C LEU C 68 4.85 6.01 3.63
N ARG C 69 5.86 6.74 3.15
CA ARG C 69 7.02 6.98 4.01
C ARG C 69 6.64 7.77 5.24
N ASN C 70 5.58 8.57 5.18
CA ASN C 70 5.18 9.34 6.34
C ASN C 70 4.64 8.48 7.47
N TYR C 71 4.29 7.23 7.21
CA TYR C 71 3.88 6.32 8.29
C TYR C 71 5.05 5.75 9.06
N GLY C 72 6.28 5.93 8.58
CA GLY C 72 7.42 5.29 9.22
C GLY C 72 7.54 5.68 10.68
N LYS C 73 7.31 6.95 10.99
CA LYS C 73 7.51 7.43 12.36
C LYS C 73 6.41 6.92 13.29
N THR C 74 5.15 7.02 12.85
CA THR C 74 4.03 6.60 13.66
C THR C 74 3.85 5.09 13.67
N GLY C 75 4.34 4.39 12.65
CA GLY C 75 4.56 2.96 12.69
C GLY C 75 3.57 2.12 11.92
N GLU C 76 2.52 2.71 11.31
CA GLU C 76 1.50 1.89 10.67
C GLU C 76 2.08 1.04 9.55
N VAL C 77 3.02 1.62 8.78
CA VAL C 77 3.69 0.95 7.66
C VAL C 77 5.15 1.35 7.74
N LYS C 78 6.04 0.37 7.60
CA LYS C 78 7.47 0.63 7.53
C LYS C 78 8.03 -0.01 6.28
N LYS C 79 9.03 0.65 5.69
CA LYS C 79 9.73 0.08 4.56
C LYS C 79 10.61 -1.07 5.02
N VAL C 80 10.62 -2.14 4.23
CA VAL C 80 11.47 -3.31 4.45
C VAL C 80 12.60 -3.23 3.43
N LYS C 81 13.76 -3.78 3.79
CA LYS C 81 14.95 -3.69 2.93
C LYS C 81 14.91 -4.74 1.82
N LYS C 82 13.84 -4.73 1.07
CA LYS C 82 13.64 -5.55 -0.11
C LYS C 82 12.87 -4.71 -1.12
N LYS C 83 13.09 -4.98 -2.40
CA LYS C 83 12.50 -4.16 -3.44
C LYS C 83 10.99 -4.04 -3.30
N LEU C 84 10.51 -2.79 -3.26
CA LEU C 84 9.07 -2.49 -3.30
C LEU C 84 8.29 -3.13 -2.15
N THR C 85 8.96 -3.42 -1.05
CA THR C 85 8.38 -4.16 0.06
C THR C 85 8.23 -3.29 1.30
N TYR C 86 7.09 -3.47 1.98
CA TYR C 86 6.71 -2.73 3.17
C TYR C 86 6.12 -3.70 4.18
N GLN C 87 5.82 -3.20 5.37
CA GLN C 87 5.31 -4.05 6.45
C GLN C 87 4.32 -3.26 7.29
N PHE C 88 3.11 -3.80 7.47
CA PHE C 88 2.14 -3.21 8.39
C PHE C 88 2.50 -3.53 9.84
N SER C 89 2.11 -2.64 10.73
CA SER C 89 2.27 -2.93 12.16
C SER C 89 1.28 -3.99 12.63
N GLY C 90 1.63 -4.64 13.76
CA GLY C 90 0.71 -5.55 14.41
C GLY C 90 -0.62 -4.89 14.74
N GLU C 91 -0.58 -3.62 15.15
CA GLU C 91 -1.82 -2.93 15.49
C GLU C 91 -2.72 -2.80 14.28
N VAL C 92 -2.15 -2.38 13.15
CA VAL C 92 -2.93 -2.28 11.91
C VAL C 92 -3.50 -3.63 11.51
N LEU C 93 -2.69 -4.68 11.59
CA LEU C 93 -3.15 -6.00 11.18
C LEU C 93 -4.28 -6.52 12.06
N GLY C 94 -4.25 -6.17 13.35
CA GLY C 94 -5.30 -6.65 14.25
C GLY C 94 -6.64 -6.02 13.96
N ARG C 95 -6.64 -4.77 13.51
CA ARG C 95 -7.87 -4.08 13.17
C ARG C 95 -8.18 -4.23 11.68
#